data_5B0T
#
_entry.id   5B0T
#
_cell.length_a   68.271
_cell.length_b   105.011
_cell.length_c   61.596
_cell.angle_alpha   90.000
_cell.angle_beta   90.000
_cell.angle_gamma   90.000
#
_symmetry.space_group_name_H-M   'C 2 2 21'
#
loop_
_entity.id
_entity.type
_entity.pdbx_description
1 polymer 'E3 ubiquitin-protein ligase ipaH9.8'
2 water water
#
_entity_poly.entity_id   1
_entity_poly.type   'polypeptide(L)'
_entity_poly.pdbx_seq_one_letter_code
;STYADYFSAWDKWEKQALPGEERDEAVSRLKECLINNSDELRLDRLNLSSLPDNLPAQITLLNVSYNQLTNLPELPVTLK
KLYSASNKLSELPVLPPALESLQVQHNELENLPALPDSLLTMNISYNEIVSLPSLPQALKNLRATRNFLTELPAFSEGNN
PVVREYFFDRNQISHIPESILNLRNECSIHISDNPLSSHALPALQRLTSSPDYHGPRIYFSMSD
;
_entity_poly.pdbx_strand_id   A
#
# COMPACT_ATOMS: atom_id res chain seq x y z
N SER A 1 14.72 1.15 -24.22
CA SER A 1 14.41 -0.27 -24.61
C SER A 1 13.61 -0.39 -25.93
N THR A 2 14.12 -1.16 -26.90
CA THR A 2 13.47 -1.33 -28.21
C THR A 2 12.38 -2.40 -28.20
N TYR A 3 11.70 -2.54 -29.34
CA TYR A 3 10.67 -3.52 -29.48
C TYR A 3 11.13 -4.97 -29.38
N ALA A 4 12.27 -5.30 -29.99
CA ALA A 4 12.77 -6.68 -29.96
C ALA A 4 13.26 -7.07 -28.57
N ASP A 5 13.84 -6.09 -27.86
CA ASP A 5 14.30 -6.22 -26.47
C ASP A 5 13.16 -6.66 -25.53
N TYR A 6 12.04 -5.94 -25.61
CA TYR A 6 10.84 -6.29 -24.86
C TYR A 6 10.34 -7.66 -25.25
N PHE A 7 10.00 -7.85 -26.53
CA PHE A 7 9.37 -9.13 -26.94
C PHE A 7 10.29 -10.29 -26.59
N SER A 8 11.58 -10.08 -26.81
CA SER A 8 12.62 -11.02 -26.39
C SER A 8 12.50 -11.47 -24.95
N ALA A 9 12.66 -10.51 -24.04
CA ALA A 9 12.64 -10.83 -22.62
C ALA A 9 11.31 -11.42 -22.20
N TRP A 10 10.20 -10.85 -22.70
CA TRP A 10 8.89 -11.42 -22.35
C TRP A 10 8.70 -12.79 -22.86
N ASP A 11 9.10 -13.02 -24.11
CA ASP A 11 8.93 -14.37 -24.67
C ASP A 11 9.73 -15.42 -23.91
N LYS A 12 10.93 -15.07 -23.49
CA LYS A 12 11.77 -16.02 -22.72
C LYS A 12 11.17 -16.28 -21.33
N TRP A 13 10.83 -15.21 -20.63
CA TRP A 13 10.07 -15.29 -19.39
C TRP A 13 8.83 -16.21 -19.43
N GLU A 14 7.98 -16.08 -20.47
CA GLU A 14 6.80 -16.95 -20.65
CA GLU A 14 6.79 -16.97 -20.68
C GLU A 14 7.14 -18.44 -20.70
N LYS A 15 8.31 -18.75 -21.24
CA LYS A 15 8.77 -20.12 -21.39
C LYS A 15 8.94 -20.89 -20.05
N GLN A 16 9.30 -20.17 -18.98
CA GLN A 16 9.54 -20.78 -17.66
C GLN A 16 8.31 -20.77 -16.71
N ALA A 17 7.09 -20.72 -17.26
CA ALA A 17 5.87 -20.85 -16.44
C ALA A 17 5.70 -22.27 -15.84
N LEU A 18 5.20 -22.36 -14.60
CA LEU A 18 4.79 -23.64 -14.01
C LEU A 18 3.42 -23.97 -14.55
N PRO A 19 2.97 -25.23 -14.35
CA PRO A 19 1.59 -25.48 -14.80
C PRO A 19 0.63 -24.60 -13.99
N GLY A 20 -0.39 -24.04 -14.63
CA GLY A 20 -1.41 -23.27 -13.91
C GLY A 20 -1.06 -21.79 -13.91
N GLU A 21 0.21 -21.48 -14.20
CA GLU A 21 0.70 -20.11 -14.24
C GLU A 21 0.45 -19.41 -15.61
N GLU A 22 -0.34 -18.34 -15.59
CA GLU A 22 -0.77 -17.70 -16.84
C GLU A 22 0.16 -16.68 -17.46
N ARG A 23 1.41 -17.08 -17.67
CA ARG A 23 2.33 -16.18 -18.32
C ARG A 23 1.97 -15.88 -19.79
N ASP A 24 1.44 -16.87 -20.52
CA ASP A 24 0.87 -16.63 -21.85
C ASP A 24 -0.04 -15.40 -21.89
N GLU A 25 -1.04 -15.35 -21.02
CA GLU A 25 -1.99 -14.24 -20.94
C GLU A 25 -1.21 -12.96 -20.61
N ALA A 26 -0.23 -13.07 -19.70
CA ALA A 26 0.52 -11.90 -19.25
C ALA A 26 1.24 -11.28 -20.42
N VAL A 27 1.84 -12.10 -21.25
CA VAL A 27 2.62 -11.58 -22.37
C VAL A 27 1.72 -10.93 -23.41
N SER A 28 0.56 -11.55 -23.68
CA SER A 28 -0.46 -10.94 -24.55
C SER A 28 -0.74 -9.55 -24.06
N ARG A 29 -0.97 -9.39 -22.74
CA ARG A 29 -1.24 -8.09 -22.16
C ARG A 29 -0.07 -7.17 -22.24
N LEU A 30 1.14 -7.72 -22.08
CA LEU A 30 2.30 -6.88 -22.15
C LEU A 30 2.40 -6.32 -23.58
N LYS A 31 2.26 -7.20 -24.54
CA LYS A 31 2.39 -6.84 -25.94
C LYS A 31 1.29 -5.81 -26.29
N GLU A 32 0.04 -6.07 -25.87
CA GLU A 32 -1.05 -5.13 -26.10
C GLU A 32 -0.72 -3.73 -25.58
N CYS A 33 -0.13 -3.69 -24.39
CA CYS A 33 0.18 -2.41 -23.74
C CYS A 33 1.24 -1.59 -24.54
N LEU A 34 2.24 -2.28 -25.06
CA LEU A 34 3.31 -1.64 -25.85
C LEU A 34 2.85 -1.16 -27.26
N ILE A 35 2.26 -2.08 -28.04
CA ILE A 35 1.58 -1.74 -29.32
C ILE A 35 0.68 -0.51 -29.30
N ASN A 36 -0.17 -0.39 -28.27
CA ASN A 36 -1.12 0.71 -28.12
C ASN A 36 -0.56 1.91 -27.37
N ASN A 37 0.69 1.77 -26.92
CA ASN A 37 1.35 2.79 -26.12
C ASN A 37 0.50 3.25 -24.94
N SER A 38 -0.10 2.29 -24.22
CA SER A 38 -1.07 2.55 -23.14
C SER A 38 -0.41 2.99 -21.86
N ASP A 39 -1.13 3.78 -21.07
CA ASP A 39 -0.67 4.22 -19.79
C ASP A 39 -0.85 3.14 -18.71
N GLU A 40 -1.76 2.20 -18.96
CA GLU A 40 -2.12 1.21 -17.94
C GLU A 40 -1.71 -0.20 -18.28
N LEU A 41 -1.26 -0.93 -17.27
CA LEU A 41 -1.02 -2.35 -17.46
C LEU A 41 -1.58 -3.14 -16.26
N ARG A 42 -2.43 -4.14 -16.51
CA ARG A 42 -3.05 -4.94 -15.45
C ARG A 42 -2.71 -6.39 -15.67
N LEU A 43 -1.98 -6.98 -14.73
CA LEU A 43 -1.62 -8.38 -14.86
C LEU A 43 -2.17 -9.09 -13.63
N ASP A 44 -3.25 -8.56 -13.08
CA ASP A 44 -3.82 -9.15 -11.90
C ASP A 44 -4.44 -10.52 -12.16
N ARG A 45 -4.43 -11.36 -11.11
CA ARG A 45 -5.02 -12.71 -11.15
CA ARG A 45 -5.03 -12.70 -11.16
C ARG A 45 -4.54 -13.58 -12.31
N LEU A 46 -3.23 -13.58 -12.55
CA LEU A 46 -2.64 -14.47 -13.57
C LEU A 46 -1.78 -15.61 -12.95
N ASN A 47 -1.99 -15.86 -11.67
CA ASN A 47 -1.25 -16.90 -10.92
C ASN A 47 0.26 -16.77 -11.10
N LEU A 48 0.77 -15.54 -11.18
CA LEU A 48 2.19 -15.33 -11.49
C LEU A 48 3.15 -15.41 -10.26
N SER A 49 4.22 -16.20 -10.37
CA SER A 49 5.20 -16.23 -9.27
C SER A 49 6.29 -15.16 -9.46
N SER A 50 6.42 -14.64 -10.68
CA SER A 50 7.28 -13.46 -10.91
C SER A 50 6.82 -12.64 -12.14
N LEU A 51 7.44 -11.48 -12.35
CA LEU A 51 7.23 -10.64 -13.54
C LEU A 51 8.53 -10.65 -14.38
N PRO A 52 8.46 -10.29 -15.68
CA PRO A 52 9.72 -10.17 -16.44
C PRO A 52 10.36 -8.87 -16.05
N ASP A 53 11.68 -8.78 -16.15
CA ASP A 53 12.42 -7.64 -15.56
C ASP A 53 11.99 -6.32 -16.16
N ASN A 54 11.76 -6.33 -17.47
CA ASN A 54 11.57 -5.10 -18.25
C ASN A 54 10.08 -4.84 -18.54
N LEU A 55 9.49 -3.99 -17.71
CA LEU A 55 8.10 -3.61 -17.92
C LEU A 55 8.05 -2.45 -18.92
N PRO A 56 6.89 -2.19 -19.55
CA PRO A 56 6.88 -1.08 -20.52
C PRO A 56 7.14 0.22 -19.80
N ALA A 57 8.06 1.03 -20.34
CA ALA A 57 8.61 2.13 -19.55
C ALA A 57 7.65 3.28 -19.51
N GLN A 58 6.68 3.33 -20.41
CA GLN A 58 5.82 4.51 -20.43
C GLN A 58 4.63 4.41 -19.46
N ILE A 59 4.41 3.26 -18.83
CA ILE A 59 3.20 3.06 -18.05
C ILE A 59 3.11 3.97 -16.83
N THR A 60 1.88 4.32 -16.49
CA THR A 60 1.61 5.20 -15.37
C THR A 60 0.84 4.45 -14.27
N LEU A 61 0.17 3.37 -14.65
CA LEU A 61 -0.50 2.52 -13.70
C LEU A 61 -0.07 1.09 -13.92
N LEU A 62 0.33 0.46 -12.83
CA LEU A 62 0.66 -0.98 -12.89
C LEU A 62 -0.18 -1.70 -11.84
N ASN A 63 -0.97 -2.69 -12.26
CA ASN A 63 -1.74 -3.49 -11.34
C ASN A 63 -1.31 -4.92 -11.41
N VAL A 64 -0.64 -5.41 -10.36
CA VAL A 64 -0.24 -6.84 -10.38
C VAL A 64 -0.76 -7.60 -9.16
N SER A 65 -1.82 -7.06 -8.56
CA SER A 65 -2.50 -7.66 -7.44
C SER A 65 -3.01 -9.07 -7.72
N TYR A 66 -3.27 -9.78 -6.62
CA TYR A 66 -3.78 -11.16 -6.67
C TYR A 66 -2.89 -12.06 -7.55
N ASN A 67 -1.62 -12.22 -7.15
CA ASN A 67 -0.74 -13.16 -7.81
C ASN A 67 0.01 -13.92 -6.72
N GLN A 68 1.20 -14.41 -7.03
CA GLN A 68 2.04 -15.13 -6.03
C GLN A 68 3.44 -14.58 -6.16
N LEU A 69 3.51 -13.27 -6.34
CA LEU A 69 4.81 -12.59 -6.51
C LEU A 69 5.58 -12.54 -5.20
N THR A 70 6.89 -12.72 -5.32
CA THR A 70 7.79 -12.56 -4.21
C THR A 70 8.65 -11.32 -4.23
N ASN A 71 8.92 -10.81 -5.43
CA ASN A 71 9.69 -9.58 -5.61
C ASN A 71 9.09 -8.84 -6.79
N LEU A 72 9.19 -7.53 -6.79
CA LEU A 72 8.84 -6.69 -7.97
C LEU A 72 10.10 -6.20 -8.63
N PRO A 73 10.13 -6.14 -9.98
CA PRO A 73 11.33 -5.61 -10.65
C PRO A 73 11.44 -4.10 -10.41
N GLU A 74 12.53 -3.47 -10.87
CA GLU A 74 12.60 -2.01 -10.85
C GLU A 74 11.36 -1.49 -11.56
N LEU A 75 10.83 -0.38 -11.05
CA LEU A 75 9.57 0.05 -11.57
C LEU A 75 9.78 1.19 -12.52
N PRO A 76 8.93 1.29 -13.54
CA PRO A 76 9.00 2.44 -14.41
C PRO A 76 9.06 3.78 -13.66
N VAL A 77 10.04 4.62 -14.00
CA VAL A 77 10.15 5.95 -13.33
C VAL A 77 8.91 6.79 -13.41
N THR A 78 8.06 6.50 -14.41
CA THR A 78 6.85 7.27 -14.70
C THR A 78 5.62 6.89 -13.89
N LEU A 79 5.75 5.82 -13.12
CA LEU A 79 4.59 5.21 -12.48
C LEU A 79 3.98 6.12 -11.47
N LYS A 80 2.66 6.26 -11.54
CA LYS A 80 1.89 7.08 -10.62
C LYS A 80 1.06 6.24 -9.65
N LYS A 81 0.62 5.06 -10.10
CA LYS A 81 -0.22 4.22 -9.25
C LYS A 81 0.34 2.81 -9.27
N LEU A 82 0.67 2.27 -8.10
CA LEU A 82 1.12 0.88 -8.06
C LEU A 82 0.16 0.06 -7.18
N TYR A 83 -0.48 -0.95 -7.76
CA TYR A 83 -1.32 -1.90 -7.01
C TYR A 83 -0.62 -3.27 -7.08
N SER A 84 -0.21 -3.80 -5.94
CA SER A 84 0.46 -5.10 -5.92
C SER A 84 0.03 -5.82 -4.65
N ALA A 85 -1.25 -5.65 -4.29
CA ALA A 85 -1.85 -6.22 -3.14
C ALA A 85 -2.02 -7.73 -3.33
N SER A 86 -2.14 -8.48 -2.22
CA SER A 86 -2.36 -9.92 -2.27
C SER A 86 -1.31 -10.69 -3.06
N ASN A 87 -0.04 -10.50 -2.68
CA ASN A 87 1.07 -11.24 -3.16
C ASN A 87 1.89 -11.74 -1.96
N LYS A 88 3.14 -12.09 -2.21
CA LYS A 88 3.96 -12.53 -1.09
C LYS A 88 5.20 -11.64 -1.11
N LEU A 89 5.06 -10.32 -1.33
CA LEU A 89 6.31 -9.54 -1.44
C LEU A 89 6.96 -9.47 -0.07
N SER A 90 8.28 -9.67 0.04
CA SER A 90 8.86 -9.49 1.35
C SER A 90 9.53 -8.13 1.47
N GLU A 91 9.63 -7.41 0.34
CA GLU A 91 10.09 -6.05 0.42
C GLU A 91 9.68 -5.38 -0.86
N LEU A 92 9.72 -4.06 -0.91
CA LEU A 92 9.37 -3.33 -2.14
C LEU A 92 10.68 -2.77 -2.75
N PRO A 93 10.77 -2.57 -4.08
CA PRO A 93 11.94 -1.92 -4.66
C PRO A 93 11.84 -0.42 -4.33
N VAL A 94 12.83 0.35 -4.72
CA VAL A 94 12.82 1.80 -4.50
C VAL A 94 11.59 2.29 -5.26
N LEU A 95 10.82 3.23 -4.71
CA LEU A 95 9.54 3.62 -5.32
C LEU A 95 9.67 4.71 -6.38
N PRO A 96 8.89 4.60 -7.46
CA PRO A 96 8.98 5.67 -8.47
C PRO A 96 8.84 7.07 -7.89
N PRO A 97 9.73 7.99 -8.31
CA PRO A 97 9.88 9.27 -7.64
C PRO A 97 8.62 10.03 -7.53
N ALA A 98 7.65 9.82 -8.40
CA ALA A 98 6.40 10.61 -8.29
C ALA A 98 5.15 9.74 -8.08
N LEU A 99 5.30 8.65 -7.36
CA LEU A 99 4.16 7.75 -7.18
C LEU A 99 3.11 8.46 -6.39
N GLU A 100 1.84 8.24 -6.75
CA GLU A 100 0.74 8.85 -6.02
C GLU A 100 -0.10 7.83 -5.28
N SER A 101 -0.08 6.60 -5.71
CA SER A 101 -0.91 5.60 -4.98
C SER A 101 -0.12 4.31 -4.79
N LEU A 102 -0.12 3.78 -3.58
CA LEU A 102 0.62 2.55 -3.24
C LEU A 102 -0.33 1.59 -2.54
N GLN A 103 -0.74 0.53 -3.23
CA GLN A 103 -1.62 -0.48 -2.67
C GLN A 103 -0.88 -1.81 -2.60
N VAL A 104 -0.39 -2.12 -1.41
CA VAL A 104 0.44 -3.32 -1.20
C VAL A 104 -0.09 -4.12 0.01
N GLN A 105 -1.38 -4.03 0.28
CA GLN A 105 -1.95 -4.73 1.39
C GLN A 105 -1.92 -6.28 1.18
N HIS A 106 -1.84 -7.07 2.27
CA HIS A 106 -1.80 -8.56 2.11
C HIS A 106 -0.58 -9.04 1.40
N ASN A 107 0.59 -8.72 1.96
CA ASN A 107 1.86 -9.17 1.46
C ASN A 107 2.66 -9.76 2.66
N GLU A 108 4.00 -9.80 2.57
CA GLU A 108 4.78 -10.17 3.75
C GLU A 108 5.81 -9.10 4.04
N LEU A 109 5.41 -7.82 3.94
CA LEU A 109 6.42 -6.77 4.09
C LEU A 109 6.80 -6.64 5.53
N GLU A 110 8.09 -6.39 5.78
CA GLU A 110 8.60 -6.17 7.11
C GLU A 110 9.02 -4.72 7.26
N ASN A 111 9.35 -4.10 6.15
CA ASN A 111 9.90 -2.73 6.10
C ASN A 111 9.37 -2.02 4.88
N LEU A 112 9.37 -0.69 4.90
CA LEU A 112 8.95 0.09 3.74
C LEU A 112 10.17 0.85 3.22
N PRO A 113 10.23 1.07 1.92
CA PRO A 113 11.34 1.93 1.42
C PRO A 113 10.94 3.40 1.67
N ALA A 114 11.80 4.37 1.30
CA ALA A 114 11.40 5.82 1.35
C ALA A 114 10.13 6.07 0.57
N LEU A 115 9.25 6.92 1.09
CA LEU A 115 7.93 7.20 0.50
C LEU A 115 7.98 8.59 -0.21
N PRO A 116 7.80 8.62 -1.53
CA PRO A 116 7.81 9.89 -2.32
C PRO A 116 6.93 10.97 -1.69
N ASP A 117 7.33 12.22 -1.80
CA ASP A 117 6.48 13.34 -1.34
C ASP A 117 5.18 13.41 -2.10
N SER A 118 5.17 12.84 -3.29
CA SER A 118 3.93 12.86 -4.06
C SER A 118 2.82 11.90 -3.53
N LEU A 119 3.15 10.97 -2.61
CA LEU A 119 2.17 10.00 -2.14
C LEU A 119 0.91 10.56 -1.53
N LEU A 120 -0.24 10.18 -2.08
CA LEU A 120 -1.55 10.67 -1.64
C LEU A 120 -2.26 9.58 -0.89
N THR A 121 -2.04 8.32 -1.30
CA THR A 121 -2.81 7.26 -0.70
C THR A 121 -1.99 5.94 -0.61
N MET A 122 -2.07 5.29 0.53
CA MET A 122 -1.37 4.04 0.69
C MET A 122 -2.05 3.06 1.59
N ASN A 123 -2.11 1.83 1.13
CA ASN A 123 -2.64 0.83 1.95
C ASN A 123 -1.49 -0.17 2.13
N ILE A 124 -1.08 -0.35 3.36
CA ILE A 124 -0.06 -1.34 3.71
C ILE A 124 -0.57 -2.38 4.72
N SER A 125 -1.90 -2.50 4.81
CA SER A 125 -2.53 -3.36 5.74
C SER A 125 -2.15 -4.84 5.50
N TYR A 126 -2.16 -5.60 6.59
CA TYR A 126 -1.94 -7.09 6.58
C TYR A 126 -0.55 -7.36 6.08
N ASN A 127 0.44 -6.80 6.79
CA ASN A 127 1.82 -7.12 6.51
C ASN A 127 2.45 -7.33 7.89
N GLU A 128 3.78 -7.27 7.98
CA GLU A 128 4.44 -7.44 9.25
C GLU A 128 5.29 -6.26 9.58
N ILE A 129 4.79 -5.04 9.25
CA ILE A 129 5.64 -3.85 9.37
C ILE A 129 5.65 -3.43 10.84
N VAL A 130 6.80 -2.98 11.36
CA VAL A 130 6.91 -2.62 12.79
C VAL A 130 7.14 -1.10 13.00
N SER A 131 7.67 -0.41 11.98
CA SER A 131 7.78 1.05 12.05
C SER A 131 7.64 1.71 10.69
N LEU A 132 7.35 3.00 10.69
CA LEU A 132 6.99 3.71 9.47
C LEU A 132 8.08 4.71 9.15
N PRO A 133 8.45 4.85 7.86
CA PRO A 133 9.44 5.89 7.66
C PRO A 133 8.72 7.22 7.68
N SER A 134 9.45 8.29 7.43
CA SER A 134 8.83 9.62 7.50
C SER A 134 7.65 9.68 6.52
N LEU A 135 6.49 10.17 6.97
CA LEU A 135 5.30 10.23 6.10
C LEU A 135 5.23 11.48 5.20
N PRO A 136 4.90 11.30 3.91
CA PRO A 136 4.76 12.46 3.03
C PRO A 136 3.68 13.41 3.58
N GLN A 137 3.93 14.72 3.54
CA GLN A 137 2.92 15.65 4.05
C GLN A 137 1.68 15.65 3.17
N ALA A 138 1.87 15.30 1.90
CA ALA A 138 0.71 15.19 0.99
C ALA A 138 -0.23 13.98 1.30
N LEU A 139 0.14 13.14 2.26
CA LEU A 139 -0.63 11.91 2.43
C LEU A 139 -1.97 12.06 3.16
N LYS A 140 -3.05 11.74 2.46
CA LYS A 140 -4.42 11.91 2.99
C LYS A 140 -5.15 10.59 3.39
N ASN A 141 -4.63 9.44 2.96
CA ASN A 141 -5.31 8.18 3.25
C ASN A 141 -4.23 7.10 3.50
N LEU A 142 -4.09 6.70 4.75
CA LEU A 142 -3.10 5.67 5.09
C LEU A 142 -3.86 4.53 5.79
N ARG A 143 -3.90 3.36 5.17
CA ARG A 143 -4.51 2.18 5.82
C ARG A 143 -3.38 1.24 6.21
N ALA A 144 -3.36 0.81 7.46
CA ALA A 144 -2.24 0.06 7.97
C ALA A 144 -2.76 -0.98 8.99
N THR A 145 -4.00 -1.39 8.85
CA THR A 145 -4.67 -2.36 9.68
C THR A 145 -3.85 -3.62 9.74
N ARG A 146 -3.77 -4.23 10.93
CA ARG A 146 -3.04 -5.51 11.15
C ARG A 146 -1.59 -5.51 10.65
N ASN A 147 -0.79 -4.61 11.21
CA ASN A 147 0.64 -4.69 11.08
C ASN A 147 1.08 -4.84 12.52
N PHE A 148 2.34 -4.61 12.80
CA PHE A 148 2.83 -4.75 14.16
C PHE A 148 3.45 -3.43 14.65
N LEU A 149 2.81 -2.31 14.27
CA LEU A 149 3.34 -1.01 14.68
C LEU A 149 3.15 -0.90 16.18
N THR A 150 4.13 -0.30 16.83
CA THR A 150 4.10 -0.21 18.29
C THR A 150 3.81 1.23 18.69
N GLU A 151 3.74 2.14 17.72
CA GLU A 151 3.33 3.50 18.04
C GLU A 151 2.74 4.17 16.85
N LEU A 152 1.99 5.24 17.11
CA LEU A 152 1.42 6.05 16.05
C LEU A 152 2.50 7.01 15.53
N PRO A 153 2.39 7.39 14.26
CA PRO A 153 3.27 8.44 13.69
C PRO A 153 2.89 9.80 14.28
N ALA A 154 3.68 10.84 14.04
CA ALA A 154 3.30 12.19 14.49
C ALA A 154 2.65 13.00 13.35
N PHE A 155 1.39 13.40 13.51
CA PHE A 155 0.70 14.24 12.50
C PHE A 155 0.27 15.59 13.02
N ASN A 160 -4.70 24.05 6.68
CA ASN A 160 -6.05 23.98 6.13
C ASN A 160 -6.71 22.60 6.23
N PRO A 161 -8.00 22.57 6.62
CA PRO A 161 -8.75 21.34 6.97
C PRO A 161 -9.09 20.35 5.83
N VAL A 162 -8.09 19.61 5.33
CA VAL A 162 -8.35 18.49 4.37
C VAL A 162 -8.76 17.19 5.08
N VAL A 163 -9.67 16.45 4.44
CA VAL A 163 -10.14 15.15 4.93
C VAL A 163 -8.97 14.17 5.01
N ARG A 164 -8.71 13.63 6.20
CA ARG A 164 -7.55 12.75 6.40
C ARG A 164 -8.02 11.51 7.17
N GLU A 165 -7.67 10.33 6.66
CA GLU A 165 -8.09 9.08 7.29
C GLU A 165 -6.89 8.13 7.56
N TYR A 166 -6.70 7.79 8.84
CA TYR A 166 -5.61 6.91 9.27
C TYR A 166 -6.25 5.69 9.89
N PHE A 167 -5.95 4.53 9.30
CA PHE A 167 -6.40 3.26 9.85
C PHE A 167 -5.28 2.49 10.51
N PHE A 168 -5.31 2.41 11.85
CA PHE A 168 -4.28 1.68 12.57
C PHE A 168 -4.85 0.54 13.43
N ASP A 169 -6.04 0.07 13.07
CA ASP A 169 -6.69 -1.02 13.79
CA ASP A 169 -6.66 -0.97 13.86
C ASP A 169 -5.78 -2.24 13.88
N ARG A 170 -5.95 -3.06 14.93
CA ARG A 170 -5.20 -4.32 15.01
C ARG A 170 -3.67 -4.20 14.88
N ASN A 171 -3.06 -3.19 15.51
CA ASN A 171 -1.61 -3.12 15.56
C ASN A 171 -1.17 -3.44 16.98
N GLN A 172 0.05 -3.04 17.35
CA GLN A 172 0.49 -3.27 18.71
C GLN A 172 0.61 -1.92 19.44
N ILE A 173 -0.22 -0.93 19.11
CA ILE A 173 -0.05 0.36 19.73
C ILE A 173 -0.51 0.31 21.18
N SER A 174 0.31 0.81 22.10
CA SER A 174 -0.06 0.78 23.53
C SER A 174 -0.21 2.16 24.18
N HIS A 175 0.01 3.23 23.42
CA HIS A 175 0.02 4.57 23.99
C HIS A 175 -0.68 5.52 23.08
N ILE A 176 -1.71 6.21 23.58
CA ILE A 176 -2.34 7.28 22.80
C ILE A 176 -1.58 8.56 23.08
N PRO A 177 -0.90 9.12 22.08
CA PRO A 177 -0.01 10.25 22.37
C PRO A 177 -0.81 11.57 22.38
N GLU A 178 -0.28 12.59 23.04
CA GLU A 178 -0.99 13.88 23.06
C GLU A 178 -1.17 14.52 21.70
N SER A 179 -0.32 14.15 20.74
CA SER A 179 -0.41 14.64 19.37
C SER A 179 -1.72 14.27 18.68
N ILE A 180 -2.31 13.12 19.01
CA ILE A 180 -3.61 12.83 18.45
C ILE A 180 -4.61 13.90 18.84
N LEU A 181 -4.63 14.23 20.14
CA LEU A 181 -5.61 15.17 20.68
C LEU A 181 -5.58 16.57 20.02
N ASN A 182 -4.49 16.88 19.29
CA ASN A 182 -4.34 18.18 18.62
C ASN A 182 -4.81 18.18 17.17
N LEU A 183 -5.17 17.02 16.63
CA LEU A 183 -5.81 17.00 15.32
C LEU A 183 -7.26 17.48 15.44
N ARG A 184 -7.86 17.86 14.33
CA ARG A 184 -9.19 18.44 14.39
C ARG A 184 -10.21 17.53 13.68
N ASN A 185 -11.50 17.90 13.74
CA ASN A 185 -12.60 17.07 13.24
C ASN A 185 -12.44 16.44 11.83
N GLU A 186 -11.61 17.05 10.99
CA GLU A 186 -11.33 16.54 9.62
C GLU A 186 -10.52 15.22 9.57
N CYS A 187 -9.63 15.01 10.53
CA CYS A 187 -8.88 13.76 10.64
C CYS A 187 -9.70 12.69 11.33
N SER A 188 -9.69 11.51 10.74
CA SER A 188 -10.23 10.35 11.41
C SER A 188 -9.09 9.42 11.67
N ILE A 189 -9.02 8.93 12.89
CA ILE A 189 -8.02 7.95 13.26
C ILE A 189 -8.74 6.69 13.72
N HIS A 190 -8.42 5.55 13.12
CA HIS A 190 -9.02 4.29 13.54
C HIS A 190 -8.02 3.52 14.31
N ILE A 191 -8.39 3.18 15.55
CA ILE A 191 -7.46 2.66 16.52
C ILE A 191 -7.96 1.44 17.31
N SER A 192 -9.03 0.79 16.86
CA SER A 192 -9.61 -0.35 17.62
C SER A 192 -8.63 -1.50 17.65
N ASP A 193 -8.71 -2.31 18.69
CA ASP A 193 -7.97 -3.55 18.78
C ASP A 193 -6.47 -3.36 18.91
N ASN A 194 -6.06 -2.44 19.75
CA ASN A 194 -4.65 -2.30 20.08
C ASN A 194 -4.47 -2.56 21.58
N PRO A 195 -3.30 -3.01 21.99
CA PRO A 195 -3.23 -3.22 23.40
C PRO A 195 -3.05 -1.89 24.17
N LEU A 196 -4.04 -1.01 24.08
CA LEU A 196 -4.06 0.22 24.89
C LEU A 196 -4.36 -0.13 26.34
N SER A 197 -4.16 0.85 27.23
CA SER A 197 -4.42 0.70 28.65
C SER A 197 -5.87 0.38 28.81
N SER A 198 -6.18 -0.49 29.77
CA SER A 198 -7.57 -0.75 30.21
C SER A 198 -8.43 0.52 30.29
N HIS A 199 -7.78 1.64 30.59
CA HIS A 199 -8.50 2.90 30.88
C HIS A 199 -8.82 3.68 29.68
N ALA A 200 -8.12 3.41 28.59
CA ALA A 200 -8.26 4.19 27.35
C ALA A 200 -9.68 4.23 26.76
N LEU A 201 -10.34 3.07 26.71
CA LEU A 201 -11.68 3.00 26.16
C LEU A 201 -12.69 3.89 26.93
N PRO A 202 -12.93 3.60 28.22
CA PRO A 202 -13.91 4.50 28.82
C PRO A 202 -13.46 5.94 28.77
N ALA A 203 -12.13 6.16 28.92
CA ALA A 203 -11.62 7.53 28.90
C ALA A 203 -11.94 8.21 27.58
N LEU A 204 -11.66 7.53 26.46
CA LEU A 204 -11.95 8.13 25.15
C LEU A 204 -13.46 8.15 24.86
N GLN A 205 -14.19 7.19 25.43
CA GLN A 205 -15.67 7.21 25.39
C GLN A 205 -16.24 8.56 25.88
N ARG A 206 -15.82 9.00 27.07
CA ARG A 206 -16.35 10.25 27.65
C ARG A 206 -15.75 11.49 27.00
N LEU A 207 -14.49 11.42 26.61
CA LEU A 207 -13.85 12.53 25.89
C LEU A 207 -14.54 12.88 24.58
N THR A 208 -14.69 11.90 23.69
CA THR A 208 -15.13 12.16 22.33
C THR A 208 -16.64 12.40 22.18
N SER A 209 -17.43 11.92 23.13
CA SER A 209 -18.87 12.06 22.99
C SER A 209 -19.37 13.29 23.73
N SER A 210 -18.44 14.00 24.38
CA SER A 210 -18.75 15.20 25.12
C SER A 210 -19.41 16.24 24.22
N PRO A 211 -20.25 17.12 24.81
CA PRO A 211 -20.94 18.13 24.01
C PRO A 211 -19.97 19.11 23.37
N ASP A 212 -18.86 19.41 24.04
CA ASP A 212 -17.95 20.46 23.60
C ASP A 212 -16.69 19.95 22.89
N TYR A 213 -16.69 18.67 22.51
CA TYR A 213 -15.49 18.02 21.98
C TYR A 213 -15.03 18.55 20.63
N HIS A 214 -13.77 19.01 20.58
CA HIS A 214 -13.08 19.33 19.31
C HIS A 214 -11.86 18.48 19.29
N GLY A 215 -11.48 18.01 18.12
CA GLY A 215 -10.37 17.07 18.04
C GLY A 215 -10.75 16.04 17.02
N PRO A 216 -9.83 15.12 16.68
CA PRO A 216 -10.08 14.24 15.55
C PRO A 216 -11.24 13.31 15.85
N ARG A 217 -11.92 12.80 14.82
CA ARG A 217 -12.79 11.62 15.00
C ARG A 217 -11.92 10.40 15.31
N ILE A 218 -12.11 9.78 16.47
CA ILE A 218 -11.33 8.60 16.86
C ILE A 218 -12.28 7.39 16.95
N TYR A 219 -11.96 6.31 16.25
CA TYR A 219 -12.73 5.07 16.38
C TYR A 219 -11.86 4.12 17.15
N PHE A 220 -12.30 3.70 18.32
CA PHE A 220 -11.36 3.12 19.26
C PHE A 220 -11.78 1.80 19.85
N SER A 221 -12.94 1.29 19.43
CA SER A 221 -13.24 -0.12 19.73
C SER A 221 -14.22 -0.71 18.78
N MET A 222 -14.49 -1.97 19.04
CA MET A 222 -15.30 -2.83 18.20
C MET A 222 -16.80 -2.68 18.51
N SER A 223 -17.20 -1.51 19.02
CA SER A 223 -18.55 -1.17 19.53
C SER A 223 -18.79 -1.64 20.99
N ASP A 224 -17.78 -1.46 21.84
CA ASP A 224 -17.73 -2.18 23.13
C ASP A 224 -18.37 -1.53 24.34
#